data_9MGA
# 
_entry.id   9MGA 
# 
_audit_conform.dict_name       mmcif_pdbx.dic 
_audit_conform.dict_version    5.404 
_audit_conform.dict_location   http://mmcif.pdb.org/dictionaries/ascii/mmcif_pdbx.dic 
# 
loop_
_database_2.database_id 
_database_2.database_code 
_database_2.pdbx_database_accession 
_database_2.pdbx_DOI 
PDB   9MGA         pdb_00009mga 10.2210/pdb9mga/pdb 
WWPDB D_1000290915 ?            ?                   
EMDB  EMD-48244    ?            ?                   
# 
loop_
_pdbx_audit_revision_history.ordinal 
_pdbx_audit_revision_history.data_content_type 
_pdbx_audit_revision_history.major_revision 
_pdbx_audit_revision_history.minor_revision 
_pdbx_audit_revision_history.revision_date 
_pdbx_audit_revision_history.part_number 
1 'Structure model' 1 0 2025-05-07 ? 
2 'Structure model' 1 1 2025-05-14 ? 
3 'Structure model' 1 2 2025-07-09 ? 
# 
_pdbx_audit_revision_details.ordinal             1 
_pdbx_audit_revision_details.revision_ordinal    1 
_pdbx_audit_revision_details.data_content_type   'Structure model' 
_pdbx_audit_revision_details.provider            repository 
_pdbx_audit_revision_details.type                'Initial release' 
_pdbx_audit_revision_details.description         ? 
_pdbx_audit_revision_details.details             ? 
# 
loop_
_pdbx_audit_revision_group.ordinal 
_pdbx_audit_revision_group.revision_ordinal 
_pdbx_audit_revision_group.data_content_type 
_pdbx_audit_revision_group.group 
1 2 'Structure model' 'Data collection'     
2 2 'Structure model' 'Database references' 
3 3 'Structure model' 'Data collection'     
4 3 'Structure model' 'Database references' 
# 
loop_
_pdbx_audit_revision_category.ordinal 
_pdbx_audit_revision_category.revision_ordinal 
_pdbx_audit_revision_category.data_content_type 
_pdbx_audit_revision_category.category 
1 2 'Structure model' citation 
2 2 'Structure model' em_admin 
3 3 'Structure model' citation 
4 3 'Structure model' em_admin 
# 
loop_
_pdbx_audit_revision_item.ordinal 
_pdbx_audit_revision_item.revision_ordinal 
_pdbx_audit_revision_item.data_content_type 
_pdbx_audit_revision_item.item 
1  2 'Structure model' '_citation.page_first'              
2  2 'Structure model' '_citation.page_last'               
3  2 'Structure model' '_citation.pdbx_database_id_PubMed' 
4  2 'Structure model' '_citation.title'                   
5  2 'Structure model' '_em_admin.last_update'             
6  3 'Structure model' '_citation.journal_volume'          
7  3 'Structure model' '_citation.page_first'              
8  3 'Structure model' '_citation.page_last'               
9  3 'Structure model' '_citation.title'                   
10 3 'Structure model' '_em_admin.last_update'             
# 
_pdbx_database_status.status_code                     REL 
_pdbx_database_status.status_code_sf                  ? 
_pdbx_database_status.status_code_mr                  ? 
_pdbx_database_status.entry_id                        9MGA 
_pdbx_database_status.recvd_initial_deposition_date   2024-12-10 
_pdbx_database_status.SG_entry                        N 
_pdbx_database_status.deposit_site                    RCSB 
_pdbx_database_status.process_site                    RCSB 
_pdbx_database_status.status_code_cs                  ? 
_pdbx_database_status.status_code_nmr_data            ? 
_pdbx_database_status.methods_development_category    ? 
_pdbx_database_status.pdb_format_compatible           Y 
# 
_pdbx_database_related.db_name        EMDB 
_pdbx_database_related.details        'Cryo-EM of 3-protofilament helical fibers formed by (NAP)FFGPQYQP' 
_pdbx_database_related.db_id          EMD-48244 
_pdbx_database_related.content_type   'associated EM volume' 
# 
_pdbx_contact_author.id                 2 
_pdbx_contact_author.email              fw2@uab.edu 
_pdbx_contact_author.name_first         Fengbin 
_pdbx_contact_author.name_last          Wang 
_pdbx_contact_author.name_mi            ? 
_pdbx_contact_author.role               'principal investigator/group leader' 
_pdbx_contact_author.identifier_ORCID   0000-0003-1008-663X 
# 
loop_
_audit_author.name 
_audit_author.pdbx_ordinal 
_audit_author.identifier_ORCID 
'Zia, A.'  1 ? 
'Qiao, Y.' 2 ? 
'Xu, B.'   3 ? 
'Wang, F.' 4 ? 
# 
_citation.abstract                  ? 
_citation.abstract_id_CAS           ? 
_citation.book_id_ISBN              ? 
_citation.book_publisher            ? 
_citation.book_publisher_city       ? 
_citation.book_title                ? 
_citation.coordinate_linkage        ? 
_citation.country                   GE 
_citation.database_id_Medline       ? 
_citation.details                   ? 
_citation.id                        primary 
_citation.journal_abbrev            Angew.Chem.Int.Ed.Engl. 
_citation.journal_id_ASTM           ACIEAY 
_citation.journal_id_CSD            0179 
_citation.journal_id_ISSN           1521-3773 
_citation.journal_full              ? 
_citation.journal_issue             ? 
_citation.journal_volume            64 
_citation.language                  ? 
_citation.page_first                e202425456 
_citation.page_last                 e202425456 
_citation.title                     'Intrinsically Disordered Peptide Nanofibers from a Structured Motif Within Proteins.' 
_citation.year                      2025 
_citation.database_id_CSD           ? 
_citation.pdbx_database_id_DOI      10.1002/anie.202425456 
_citation.pdbx_database_id_PubMed   40294067 
_citation.pdbx_database_id_patent   ? 
_citation.unpublished_flag          ? 
# 
loop_
_citation_author.citation_id 
_citation_author.name 
_citation_author.ordinal 
_citation_author.identifier_ORCID 
primary 'Qiao, Y.' 1 ? 
primary 'Zia, A.'  2 ? 
primary 'Shy, A.'  3 ? 
primary 'Wu, G.'   4 ? 
primary 'Chu, M.'  5 ? 
primary 'Liu, Z.'  6 ? 
primary 'Wang, F.' 7 ? 
primary 'Xu, B.'   8 ? 
# 
_entity.id                         1 
_entity.type                       polymer 
_entity.src_method                 syn 
_entity.pdbx_description           '(I7L)FFGPQYQP' 
_entity.formula_weight             1151.267 
_entity.pdbx_number_of_molecules   3 
_entity.pdbx_ec                    ? 
_entity.pdbx_mutation              ? 
_entity.pdbx_fragment              ? 
_entity.details                    ? 
# 
_entity_poly.entity_id                      1 
_entity_poly.type                           'polypeptide(L)' 
_entity_poly.nstd_linkage                   no 
_entity_poly.nstd_monomer                   yes 
_entity_poly.pdbx_seq_one_letter_code       '(I7L)FFGPQYQP' 
_entity_poly.pdbx_seq_one_letter_code_can   XFFGPQYQP 
_entity_poly.pdbx_strand_id                 A,B,C 
_entity_poly.pdbx_target_identifier         ? 
# 
loop_
_entity_poly_seq.entity_id 
_entity_poly_seq.num 
_entity_poly_seq.mon_id 
_entity_poly_seq.hetero 
1 1 I7L n 
1 2 PHE n 
1 3 PHE n 
1 4 GLY n 
1 5 PRO n 
1 6 GLN n 
1 7 TYR n 
1 8 GLN n 
1 9 PRO n 
# 
_pdbx_entity_src_syn.entity_id              1 
_pdbx_entity_src_syn.pdbx_src_id            1 
_pdbx_entity_src_syn.pdbx_alt_source_flag   sample 
_pdbx_entity_src_syn.pdbx_beg_seq_num       1 
_pdbx_entity_src_syn.pdbx_end_seq_num       9 
_pdbx_entity_src_syn.organism_scientific    'synthetic construct' 
_pdbx_entity_src_syn.organism_common_name   ? 
_pdbx_entity_src_syn.ncbi_taxonomy_id       32630 
_pdbx_entity_src_syn.details                ? 
# 
loop_
_chem_comp.id 
_chem_comp.type 
_chem_comp.mon_nstd_flag 
_chem_comp.name 
_chem_comp.pdbx_synonyms 
_chem_comp.formula 
_chem_comp.formula_weight 
GLN 'L-peptide linking' y GLUTAMINE                        ? 'C5 H10 N2 O3' 146.144 
GLY 'peptide linking'   y GLYCINE                          ? 'C2 H5 N O2'   75.067  
I7L non-polymer         . '2-naphthalen-2-ylethanoic acid' ? 'C12 H10 O2'   186.207 
PHE 'L-peptide linking' y PHENYLALANINE                    ? 'C9 H11 N O2'  165.189 
PRO 'L-peptide linking' y PROLINE                          ? 'C5 H9 N O2'   115.130 
TYR 'L-peptide linking' y TYROSINE                         ? 'C9 H11 N O3'  181.189 
# 
loop_
_pdbx_poly_seq_scheme.asym_id 
_pdbx_poly_seq_scheme.entity_id 
_pdbx_poly_seq_scheme.seq_id 
_pdbx_poly_seq_scheme.mon_id 
_pdbx_poly_seq_scheme.ndb_seq_num 
_pdbx_poly_seq_scheme.pdb_seq_num 
_pdbx_poly_seq_scheme.auth_seq_num 
_pdbx_poly_seq_scheme.pdb_mon_id 
_pdbx_poly_seq_scheme.auth_mon_id 
_pdbx_poly_seq_scheme.pdb_strand_id 
_pdbx_poly_seq_scheme.pdb_ins_code 
_pdbx_poly_seq_scheme.hetero 
A 1 1 I7L 1 1 1 I7L NAP A . n 
A 1 2 PHE 2 2 2 PHE PHE A . n 
A 1 3 PHE 3 3 3 PHE PHE A . n 
A 1 4 GLY 4 4 4 GLY GLY A . n 
A 1 5 PRO 5 5 5 PRO PRO A . n 
A 1 6 GLN 6 6 6 GLN GLN A . n 
A 1 7 TYR 7 7 7 TYR TYR A . n 
A 1 8 GLN 8 8 ? ?   ?   A . n 
A 1 9 PRO 9 9 ? ?   ?   A . n 
B 1 1 I7L 1 1 1 I7L NAP B . n 
B 1 2 PHE 2 2 2 PHE PHE B . n 
B 1 3 PHE 3 3 3 PHE PHE B . n 
B 1 4 GLY 4 4 4 GLY GLY B . n 
B 1 5 PRO 5 5 5 PRO PRO B . n 
B 1 6 GLN 6 6 6 GLN GLN B . n 
B 1 7 TYR 7 7 7 TYR TYR B . n 
B 1 8 GLN 8 8 8 GLN GLN B . n 
B 1 9 PRO 9 9 ? ?   ?   B . n 
C 1 1 I7L 1 1 1 I7L NAP C . n 
C 1 2 PHE 2 2 2 PHE PHE C . n 
C 1 3 PHE 3 3 3 PHE PHE C . n 
C 1 4 GLY 4 4 4 GLY GLY C . n 
C 1 5 PRO 5 5 5 PRO PRO C . n 
C 1 6 GLN 6 6 6 GLN GLN C . n 
C 1 7 TYR 7 7 7 TYR TYR C . n 
C 1 8 GLN 8 8 8 GLN GLN C . n 
C 1 9 PRO 9 9 ? ?   ?   C . n 
# 
_pdbx_entity_instance_feature.ordinal        1 
_pdbx_entity_instance_feature.comp_id        I7L 
_pdbx_entity_instance_feature.asym_id        ? 
_pdbx_entity_instance_feature.seq_num        ? 
_pdbx_entity_instance_feature.auth_comp_id   I7L 
_pdbx_entity_instance_feature.auth_asym_id   ? 
_pdbx_entity_instance_feature.auth_seq_num   ? 
_pdbx_entity_instance_feature.feature_type   'SUBJECT OF INVESTIGATION' 
_pdbx_entity_instance_feature.details        ? 
# 
_exptl.absorpt_coefficient_mu     ? 
_exptl.absorpt_correction_T_max   ? 
_exptl.absorpt_correction_T_min   ? 
_exptl.absorpt_correction_type    ? 
_exptl.absorpt_process_details    ? 
_exptl.entry_id                   9MGA 
_exptl.crystals_number            ? 
_exptl.details                    ? 
_exptl.method                     'ELECTRON MICROSCOPY' 
_exptl.method_details             ? 
# 
_refine.aniso_B[1][1]                            ? 
_refine.aniso_B[1][2]                            ? 
_refine.aniso_B[1][3]                            ? 
_refine.aniso_B[2][2]                            ? 
_refine.aniso_B[2][3]                            ? 
_refine.aniso_B[3][3]                            ? 
_refine.B_iso_max                                ? 
_refine.B_iso_mean                               ? 
_refine.B_iso_min                                ? 
_refine.correlation_coeff_Fo_to_Fc               ? 
_refine.correlation_coeff_Fo_to_Fc_free          ? 
_refine.details                                  ? 
_refine.diff_density_max                         ? 
_refine.diff_density_max_esd                     ? 
_refine.diff_density_min                         ? 
_refine.diff_density_min_esd                     ? 
_refine.diff_density_rms                         ? 
_refine.diff_density_rms_esd                     ? 
_refine.entry_id                                 9MGA 
_refine.pdbx_refine_id                           'ELECTRON MICROSCOPY' 
_refine.ls_abs_structure_details                 ? 
_refine.ls_abs_structure_Flack                   ? 
_refine.ls_abs_structure_Flack_esd               ? 
_refine.ls_abs_structure_Rogers                  ? 
_refine.ls_abs_structure_Rogers_esd              ? 
_refine.ls_d_res_high                            . 
_refine.ls_d_res_low                             ? 
_refine.ls_extinction_coef                       ? 
_refine.ls_extinction_coef_esd                   ? 
_refine.ls_extinction_expression                 ? 
_refine.ls_extinction_method                     ? 
_refine.ls_goodness_of_fit_all                   ? 
_refine.ls_goodness_of_fit_all_esd               ? 
_refine.ls_goodness_of_fit_obs                   ? 
_refine.ls_goodness_of_fit_obs_esd               ? 
_refine.ls_hydrogen_treatment                    ? 
_refine.ls_matrix_type                           ? 
_refine.ls_number_constraints                    ? 
_refine.ls_number_parameters                     ? 
_refine.ls_number_reflns_all                     ? 
_refine.ls_number_reflns_obs                     ? 
_refine.ls_number_reflns_R_free                  ? 
_refine.ls_number_reflns_R_work                  ? 
_refine.ls_number_restraints                     ? 
_refine.ls_percent_reflns_obs                    ? 
_refine.ls_percent_reflns_R_free                 ? 
_refine.ls_R_factor_all                          ? 
_refine.ls_R_factor_obs                          ? 
_refine.ls_R_factor_R_free                       ? 
_refine.ls_R_factor_R_free_error                 ? 
_refine.ls_R_factor_R_free_error_details         ? 
_refine.ls_R_factor_R_work                       ? 
_refine.ls_R_Fsqd_factor_obs                     ? 
_refine.ls_R_I_factor_obs                        ? 
_refine.ls_redundancy_reflns_all                 ? 
_refine.ls_redundancy_reflns_obs                 ? 
_refine.ls_restrained_S_all                      ? 
_refine.ls_restrained_S_obs                      ? 
_refine.ls_shift_over_esd_max                    ? 
_refine.ls_shift_over_esd_mean                   ? 
_refine.ls_structure_factor_coef                 ? 
_refine.ls_weighting_details                     ? 
_refine.ls_weighting_scheme                      ? 
_refine.ls_wR_factor_all                         ? 
_refine.ls_wR_factor_obs                         ? 
_refine.ls_wR_factor_R_free                      ? 
_refine.ls_wR_factor_R_work                      ? 
_refine.occupancy_max                            ? 
_refine.occupancy_min                            ? 
_refine.solvent_model_details                    ? 
_refine.solvent_model_param_bsol                 ? 
_refine.solvent_model_param_ksol                 ? 
_refine.pdbx_R_complete                          ? 
_refine.ls_R_factor_gt                           ? 
_refine.ls_goodness_of_fit_gt                    ? 
_refine.ls_goodness_of_fit_ref                   ? 
_refine.ls_shift_over_su_max                     ? 
_refine.ls_shift_over_su_max_lt                  ? 
_refine.ls_shift_over_su_mean                    ? 
_refine.ls_shift_over_su_mean_lt                 ? 
_refine.pdbx_ls_sigma_I                          ? 
_refine.pdbx_ls_sigma_F                          ? 
_refine.pdbx_ls_sigma_Fsqd                       ? 
_refine.pdbx_data_cutoff_high_absF               ? 
_refine.pdbx_data_cutoff_high_rms_absF           ? 
_refine.pdbx_data_cutoff_low_absF                ? 
_refine.pdbx_isotropic_thermal_model             ? 
_refine.pdbx_ls_cross_valid_method               ? 
_refine.pdbx_method_to_determine_struct          ? 
_refine.pdbx_starting_model                      ? 
_refine.pdbx_stereochemistry_target_values       'REAL-SPACE (WEIGHTED MAP SUM AT ATOM CENTERS)' 
_refine.pdbx_R_Free_selection_details            ? 
_refine.pdbx_stereochem_target_val_spec_case     ? 
_refine.pdbx_overall_ESU_R                       ? 
_refine.pdbx_overall_ESU_R_Free                  ? 
_refine.pdbx_solvent_vdw_probe_radii             ? 
_refine.pdbx_solvent_ion_probe_radii             ? 
_refine.pdbx_solvent_shrinkage_radii             ? 
_refine.pdbx_real_space_R                        ? 
_refine.pdbx_density_correlation                 ? 
_refine.pdbx_pd_number_of_powder_patterns        ? 
_refine.pdbx_pd_number_of_points                 ? 
_refine.pdbx_pd_meas_number_of_points            ? 
_refine.pdbx_pd_proc_ls_prof_R_factor            ? 
_refine.pdbx_pd_proc_ls_prof_wR_factor           ? 
_refine.pdbx_pd_Marquardt_correlation_coeff      ? 
_refine.pdbx_pd_Fsqrd_R_factor                   ? 
_refine.pdbx_pd_ls_matrix_band_width             ? 
_refine.pdbx_overall_phase_error                 ? 
_refine.pdbx_overall_SU_R_free_Cruickshank_DPI   ? 
_refine.pdbx_overall_SU_R_free_Blow_DPI          ? 
_refine.pdbx_overall_SU_R_Blow_DPI               ? 
_refine.pdbx_TLS_residual_ADP_flag               ? 
_refine.pdbx_diffrn_id                           ? 
_refine.overall_SU_B                             ? 
_refine.overall_SU_ML                            ? 
_refine.overall_SU_R_Cruickshank_DPI             ? 
_refine.overall_SU_R_free                        ? 
_refine.overall_FOM_free_R_set                   ? 
_refine.overall_FOM_work_R_set                   ? 
_refine.pdbx_average_fsc_overall                 ? 
_refine.pdbx_average_fsc_work                    ? 
_refine.pdbx_average_fsc_free                    ? 
# 
loop_
_refine_ls_restr.pdbx_refine_id 
_refine_ls_restr.criterion 
_refine_ls_restr.dev_ideal 
_refine_ls_restr.dev_ideal_target 
_refine_ls_restr.number 
_refine_ls_restr.rejects 
_refine_ls_restr.type 
_refine_ls_restr.weight 
_refine_ls_restr.pdbx_restraint_function 
'ELECTRON MICROSCOPY' ? 0.035  ? 4620 ? f_bond_d           ? ? 
'ELECTRON MICROSCOPY' ? 3.600  ? 6120 ? f_angle_d          ? ? 
'ELECTRON MICROSCOPY' ? 21.903 ? 1360 ? f_dihedral_angle_d ? ? 
'ELECTRON MICROSCOPY' ? 0.093  ? 340  ? f_chiral_restr     ? ? 
'ELECTRON MICROSCOPY' ? 0.016  ? 740  ? f_plane_restr      ? ? 
# 
_struct.entry_id                     9MGA 
_struct.title                        'Cryo-EM of 3-protofilament helical fibers formed by (NAP)FFGPQYQP' 
_struct.pdbx_model_details           ? 
_struct.pdbx_formula_weight          ? 
_struct.pdbx_formula_weight_method   ? 
_struct.pdbx_model_type_details      ? 
_struct.pdbx_CASP_flag               N 
# 
_struct_keywords.entry_id        9MGA 
_struct_keywords.text            'peptide fiber, helical polymer, protein fibril' 
_struct_keywords.pdbx_keywords   'PROTEIN FIBRIL' 
# 
loop_
_struct_asym.id 
_struct_asym.pdbx_blank_PDB_chainid_flag 
_struct_asym.pdbx_modified 
_struct_asym.entity_id 
_struct_asym.details 
A N N 1 ? 
B N N 1 ? 
C N N 1 ? 
# 
_struct_ref.id                         1 
_struct_ref.db_name                    PDB 
_struct_ref.db_code                    9MGA 
_struct_ref.pdbx_db_accession          9MGA 
_struct_ref.pdbx_db_isoform            ? 
_struct_ref.entity_id                  1 
_struct_ref.pdbx_seq_one_letter_code   ? 
_struct_ref.pdbx_align_begin           1 
# 
loop_
_struct_ref_seq.align_id 
_struct_ref_seq.ref_id 
_struct_ref_seq.pdbx_PDB_id_code 
_struct_ref_seq.pdbx_strand_id 
_struct_ref_seq.seq_align_beg 
_struct_ref_seq.pdbx_seq_align_beg_ins_code 
_struct_ref_seq.seq_align_end 
_struct_ref_seq.pdbx_seq_align_end_ins_code 
_struct_ref_seq.pdbx_db_accession 
_struct_ref_seq.db_align_beg 
_struct_ref_seq.pdbx_db_align_beg_ins_code 
_struct_ref_seq.db_align_end 
_struct_ref_seq.pdbx_db_align_end_ins_code 
_struct_ref_seq.pdbx_auth_seq_align_beg 
_struct_ref_seq.pdbx_auth_seq_align_end 
1 1 9MGA A 1 ? 9 ? 9MGA 1 ? 9 ? 1 9 
2 1 9MGA B 1 ? 9 ? 9MGA 1 ? 9 ? 1 9 
3 1 9MGA C 1 ? 9 ? 9MGA 1 ? 9 ? 1 9 
# 
loop_
_pdbx_struct_assembly.id 
_pdbx_struct_assembly.details 
_pdbx_struct_assembly.method_details 
_pdbx_struct_assembly.oligomeric_details 
_pdbx_struct_assembly.oligomeric_count 
1 'representative helical assembly' ? 63-meric 63 
2 'helical asymmetric unit'         ? trimeric 3  
# 
loop_
_pdbx_struct_assembly_gen.assembly_id 
_pdbx_struct_assembly_gen.oper_expression 
_pdbx_struct_assembly_gen.asym_id_list 
1 '(1-21)' A,B,C 
2 1        A,B,C 
# 
_pdbx_struct_assembly_auth_evidence.id                     1 
_pdbx_struct_assembly_auth_evidence.assembly_id            1 
_pdbx_struct_assembly_auth_evidence.experimental_support   'electron microscopy' 
_pdbx_struct_assembly_auth_evidence.details                'not applicable' 
# 
loop_
_pdbx_struct_oper_list.id 
_pdbx_struct_oper_list.type 
_pdbx_struct_oper_list.name 
_pdbx_struct_oper_list.symmetry_operation 
_pdbx_struct_oper_list.matrix[1][1] 
_pdbx_struct_oper_list.matrix[1][2] 
_pdbx_struct_oper_list.matrix[1][3] 
_pdbx_struct_oper_list.vector[1] 
_pdbx_struct_oper_list.matrix[2][1] 
_pdbx_struct_oper_list.matrix[2][2] 
_pdbx_struct_oper_list.matrix[2][3] 
_pdbx_struct_oper_list.vector[2] 
_pdbx_struct_oper_list.matrix[3][1] 
_pdbx_struct_oper_list.matrix[3][2] 
_pdbx_struct_oper_list.matrix[3][3] 
_pdbx_struct_oper_list.vector[3] 
1  'identity operation'         1_555 x,y,z 1.00000000  0.00000000  0.00000000  0.00000  0.00000000  1.00000000  0.00000000  0.00000   0.00000000  0.00000000  1.00000000 0.00000   
2  'helical symmetry operation' ?     ?     -0.08837691 0.97370127  -0.20998827 21.14116 -0.28128835 -0.22662888 -0.93247837 15.47898  -0.95554493 -0.02334243 0.29391979 26.84017  
3  'helical symmetry operation' ?     ?     -0.08837691 -0.28128835 -0.95554493 31.86965 0.97370127  -0.22662888 -0.02334243 -16.45025 -0.20998827 -0.93247837 0.29391979 10.98475  
4  'helical symmetry operation' ?     ?     -0.06542762 0.97963271  -0.18983970 23.18486 -0.30181986 -0.20076443 -0.93198635 18.05238  -0.95111730 -0.00368020 0.30880806 22.86096  
5  'helical symmetry operation' ?     ?     0.99951581  -0.02658748 -0.01614569 2.89827  0.02689552  0.99945431  0.01915939  1.49913   0.01562717  -0.01958461 0.99968588 -3.99835  
6  'helical symmetry operation' ?     ?     -0.11083193 -0.26007191 -0.95920759 35.01249 0.96677046  -0.25193626 -0.04339769 -13.87570 -0.23037249 -0.93214327 0.27935219 7.80246   
7  'helical symmetry operation' ?     ?     -0.04201503 0.98455564  -0.16995464 25.22227 -0.32163762 -0.17437784 -0.93066708 20.60351  -0.94593004 0.01556164  0.32399688 18.86396  
8  'helical symmetry operation' ?     ?     0.99806468  -0.05283148 -0.03278778 5.81981  0.05406271  0.99781885  0.03786818  2.99873   0.03071527  -0.03956779 0.99874447 -7.97956  
9  'helical symmetry operation' ?     ?     -0.13276313 -0.23819746 -0.96209988 38.13644 0.95884838  -0.27665329 -0.06382032 -11.27721 -0.25096612 -0.93098078 0.26512441 4.62070   
10 'helical symmetry operation' ?     ?     -0.01817014 0.98846461  -0.15035877 27.25561 -0.34071643 -0.14750403 -0.92852307 23.13133  -0.93999061 0.03435840  0.33946616 14.85016  
11 'helical symmetry operation' ?     ?     0.99564878  -0.07869656 -0.04990368 8.76426  0.08146476  0.99509606  0.05610116  4.49973   0.04524399  -0.05992244 0.99717716 -11.94334 
12 'helical symmetry operation' ?     ?     -0.15414024 -0.21569577 -0.96421816 41.24198 0.94994657  -0.30074585 -0.08458170 -8.65768  -0.27174040 -0.92899294 0.25125609 1.43811   
13 'helical symmetry operation' ?     ?     0.00607393  0.99135336  -0.13107982 29.28637 -0.35902898 -0.12018034 -0.92555670 25.63465  -0.93330680 0.05268335  0.35519441 10.81994  
14 'helical symmetry operation' ?     ?     0.99227026  -0.10414831 -0.06747136 11.73151 0.10906588  0.99128838  0.07383384  6.00326   0.05919364  -0.08062216 0.99498536 -15.88910 
15 'helical symmetry operation' ?     ?     -0.17493518 -0.19259550 -0.96555910 44.32646 0.94007580  -0.32418228 -0.10565523 -6.01711  -0.29266858 -0.92618168 0.23776546 -1.74724  
16 'helical symmetry operation' ?     ?     0.03068546  0.99321811  -0.11214300 31.31403 -0.37655131 -0.09244250 -0.92177185 28.11509  -0.92588735 0.07051254  0.37116104 6.77387   
17 'helical symmetry operation' ?     ?     0.98793489  -0.12915265 -0.08546640 14.72112 0.13682834  0.98640231  0.09104275  7.50998   0.07254598  -0.10163843 0.99217281 -19.81677 
18 'helical symmetry operation' ?     ?     -0.19511912 -0.16892989 -0.96612157 47.39174 0.92925098  -0.34693010 -0.12701080 -3.35622  -0.31372091 -0.92255180 0.22467121 -4.93444  
19 'helical symmetry operation' ?     ?     0.05563132  0.99405701  -0.09357343 33.34023 -0.39326048 -0.06432788 -0.91717409 30.57067  -0.91774263 0.08782241  0.38734456 2.71199   
20 'helical symmetry operation' ?     ?     0.98264771  -0.15367471 -0.10386444 17.73239 0.16471404  0.98044352  0.10770367  9.02121   0.08528202  -0.12294258 0.98874277 -23.72606 
21 'helical symmetry operation' ?     ?     -0.21466611 -0.14472910 -0.96590468 50.43646 0.91748576  -0.36896007 -0.14862116 -0.67564  -0.33487050 -0.91810776 0.21199018 -8.12482 
# 
loop_
_struct_conn.id 
_struct_conn.conn_type_id 
_struct_conn.pdbx_leaving_atom_flag 
_struct_conn.pdbx_PDB_id 
_struct_conn.ptnr1_label_asym_id 
_struct_conn.ptnr1_label_comp_id 
_struct_conn.ptnr1_label_seq_id 
_struct_conn.ptnr1_label_atom_id 
_struct_conn.pdbx_ptnr1_label_alt_id 
_struct_conn.pdbx_ptnr1_PDB_ins_code 
_struct_conn.pdbx_ptnr1_standard_comp_id 
_struct_conn.ptnr1_symmetry 
_struct_conn.ptnr2_label_asym_id 
_struct_conn.ptnr2_label_comp_id 
_struct_conn.ptnr2_label_seq_id 
_struct_conn.ptnr2_label_atom_id 
_struct_conn.pdbx_ptnr2_label_alt_id 
_struct_conn.pdbx_ptnr2_PDB_ins_code 
_struct_conn.ptnr1_auth_asym_id 
_struct_conn.ptnr1_auth_comp_id 
_struct_conn.ptnr1_auth_seq_id 
_struct_conn.ptnr2_auth_asym_id 
_struct_conn.ptnr2_auth_comp_id 
_struct_conn.ptnr2_auth_seq_id 
_struct_conn.ptnr2_symmetry 
_struct_conn.pdbx_ptnr3_label_atom_id 
_struct_conn.pdbx_ptnr3_label_seq_id 
_struct_conn.pdbx_ptnr3_label_comp_id 
_struct_conn.pdbx_ptnr3_label_asym_id 
_struct_conn.pdbx_ptnr3_label_alt_id 
_struct_conn.pdbx_ptnr3_PDB_ins_code 
_struct_conn.details 
_struct_conn.pdbx_dist_value 
_struct_conn.pdbx_value_order 
_struct_conn.pdbx_role 
covale1 covale both ? A I7L 1 C02 ? ? ? 1_555 A PHE 2 N ? ? A I7L 1 A PHE 2 1_555 ? ? ? ? ? ? ? 1.405 ? ? 
covale2 covale both ? B I7L 1 C02 ? ? ? 1_555 B PHE 2 N ? ? B I7L 1 B PHE 2 1_555 ? ? ? ? ? ? ? 1.411 ? ? 
covale3 covale both ? C I7L 1 C02 ? ? ? 1_555 C PHE 2 N ? ? C I7L 1 C PHE 2 1_555 ? ? ? ? ? ? ? 1.414 ? ? 
# 
_struct_conn_type.id          covale 
_struct_conn_type.criteria    ? 
_struct_conn_type.reference   ? 
# 
loop_
_pdbx_modification_feature.ordinal 
_pdbx_modification_feature.label_comp_id 
_pdbx_modification_feature.label_asym_id 
_pdbx_modification_feature.label_seq_id 
_pdbx_modification_feature.label_alt_id 
_pdbx_modification_feature.modified_residue_label_comp_id 
_pdbx_modification_feature.modified_residue_label_asym_id 
_pdbx_modification_feature.modified_residue_label_seq_id 
_pdbx_modification_feature.modified_residue_label_alt_id 
_pdbx_modification_feature.auth_comp_id 
_pdbx_modification_feature.auth_asym_id 
_pdbx_modification_feature.auth_seq_id 
_pdbx_modification_feature.PDB_ins_code 
_pdbx_modification_feature.symmetry 
_pdbx_modification_feature.modified_residue_auth_comp_id 
_pdbx_modification_feature.modified_residue_auth_asym_id 
_pdbx_modification_feature.modified_residue_auth_seq_id 
_pdbx_modification_feature.modified_residue_PDB_ins_code 
_pdbx_modification_feature.modified_residue_symmetry 
_pdbx_modification_feature.comp_id_linking_atom 
_pdbx_modification_feature.modified_residue_id_linking_atom 
_pdbx_modification_feature.modified_residue_id 
_pdbx_modification_feature.ref_pcm_id 
_pdbx_modification_feature.ref_comp_id 
_pdbx_modification_feature.type 
_pdbx_modification_feature.category 
1 I7L A 1 ? .   . . . I7L A 1 ? 1_555 .   . . . .     .   . ? 1 I7L None 'Non-standard residue' 
2 I7L B 1 ? .   . . . I7L B 1 ? 1_555 .   . . . .     .   . ? 1 I7L None 'Non-standard residue' 
3 I7L C 1 ? .   . . . I7L C 1 ? 1_555 .   . . . .     .   . ? 1 I7L None 'Non-standard residue' 
4 I7L A 1 ? PHE A 2 ? I7L A 1 ? 1_555 PHE A 2 ? 1_555 C02 N . . .   None 'Non-standard linkage' 
5 I7L B 1 ? PHE B 2 ? I7L B 1 ? 1_555 PHE B 2 ? 1_555 C02 N . . .   None 'Non-standard linkage' 
6 I7L C 1 ? PHE C 2 ? I7L C 1 ? 1_555 PHE C 2 ? 1_555 C02 N . . .   None 'Non-standard linkage' 
# 
_pdbx_entry_details.entry_id                   9MGA 
_pdbx_entry_details.nonpolymer_details         ? 
_pdbx_entry_details.sequence_details           ? 
_pdbx_entry_details.compound_details           ? 
_pdbx_entry_details.source_details             ? 
_pdbx_entry_details.has_ligand_of_interest     Y 
_pdbx_entry_details.has_protein_modification   Y 
# 
_pdbx_helical_symmetry.entry_id                  9MGA 
_pdbx_helical_symmetry.number_of_operations      21 
_pdbx_helical_symmetry.rotation_per_n_subunits   -120.7 
_pdbx_helical_symmetry.rise_per_n_subunits       1.70 
_pdbx_helical_symmetry.n_subunits_divisor        1 
_pdbx_helical_symmetry.dyad_axis                 no 
_pdbx_helical_symmetry.circular_symmetry         1 
# 
_em_3d_fitting.id                1 
_em_3d_fitting.entry_id          9MGA 
_em_3d_fitting.method            ? 
_em_3d_fitting.target_criteria   ? 
_em_3d_fitting.details           ? 
_em_3d_fitting.overall_b_value   ? 
_em_3d_fitting.ref_space         ? 
_em_3d_fitting.ref_protocol      ? 
# 
_em_3d_reconstruction.entry_id                    9MGA 
_em_3d_reconstruction.id                          1 
_em_3d_reconstruction.method                      ? 
_em_3d_reconstruction.algorithm                   ? 
_em_3d_reconstruction.citation_id                 ? 
_em_3d_reconstruction.details                     ? 
_em_3d_reconstruction.resolution                  2.85 
_em_3d_reconstruction.resolution_method           'FSC 0.143 CUT-OFF' 
_em_3d_reconstruction.magnification_calibration   ? 
_em_3d_reconstruction.nominal_pixel_size          ? 
_em_3d_reconstruction.actual_pixel_size           ? 
_em_3d_reconstruction.num_particles               1603800 
_em_3d_reconstruction.euler_angles_details        ? 
_em_3d_reconstruction.num_class_averages          ? 
_em_3d_reconstruction.refinement_type             ? 
_em_3d_reconstruction.image_processing_id         1 
_em_3d_reconstruction.symmetry_type               HELICAL 
# 
_em_buffer.id            1 
_em_buffer.specimen_id   1 
_em_buffer.name          ? 
_em_buffer.details       ? 
_em_buffer.pH            7 
# 
_em_entity_assembly.id                   1 
_em_entity_assembly.parent_id            0 
_em_entity_assembly.source               SYNTHETIC 
_em_entity_assembly.type                 COMPLEX 
_em_entity_assembly.name                 '(I7L)FFGPQYQP' 
_em_entity_assembly.details              ? 
_em_entity_assembly.synonym              ? 
_em_entity_assembly.oligomeric_details   ? 
_em_entity_assembly.entity_id_list       1 
# 
_em_imaging.entry_id                        9MGA 
_em_imaging.id                              1 
_em_imaging.astigmatism                     ? 
_em_imaging.electron_beam_tilt_params       ? 
_em_imaging.residual_tilt                   ? 
_em_imaging.microscope_model                'TFS KRIOS' 
_em_imaging.specimen_holder_type            ? 
_em_imaging.specimen_holder_model           ? 
_em_imaging.details                         ? 
_em_imaging.date                            ? 
_em_imaging.accelerating_voltage            300 
_em_imaging.illumination_mode               'FLOOD BEAM' 
_em_imaging.mode                            'BRIGHT FIELD' 
_em_imaging.nominal_cs                      ? 
_em_imaging.nominal_defocus_min             1000 
_em_imaging.nominal_defocus_max             2000 
_em_imaging.calibrated_defocus_min          ? 
_em_imaging.calibrated_defocus_max          ? 
_em_imaging.tilt_angle_min                  ? 
_em_imaging.tilt_angle_max                  ? 
_em_imaging.nominal_magnification           ? 
_em_imaging.calibrated_magnification        ? 
_em_imaging.electron_source                 'FIELD EMISSION GUN' 
_em_imaging.citation_id                     ? 
_em_imaging.temperature                     ? 
_em_imaging.detector_distance               ? 
_em_imaging.recording_temperature_minimum   ? 
_em_imaging.recording_temperature_maximum   ? 
_em_imaging.alignment_procedure             ? 
_em_imaging.c2_aperture_diameter            ? 
_em_imaging.specimen_id                     1 
_em_imaging.cryogen                         ? 
# 
_em_vitrification.entry_id              9MGA 
_em_vitrification.id                    1 
_em_vitrification.specimen_id           1 
_em_vitrification.cryogen_name          ETHANE 
_em_vitrification.humidity              ? 
_em_vitrification.temp                  ? 
_em_vitrification.chamber_temperature   ? 
_em_vitrification.instrument            ? 
_em_vitrification.method                ? 
_em_vitrification.time_resolved_state   ? 
_em_vitrification.citation_id           ? 
_em_vitrification.details               ? 
# 
_em_experiment.entry_id                9MGA 
_em_experiment.id                      1 
_em_experiment.reconstruction_method   HELICAL 
_em_experiment.aggregation_state       FILAMENT 
_em_experiment.entity_assembly_id      1 
# 
loop_
_pdbx_unobs_or_zero_occ_residues.id 
_pdbx_unobs_or_zero_occ_residues.PDB_model_num 
_pdbx_unobs_or_zero_occ_residues.polymer_flag 
_pdbx_unobs_or_zero_occ_residues.occupancy_flag 
_pdbx_unobs_or_zero_occ_residues.auth_asym_id 
_pdbx_unobs_or_zero_occ_residues.auth_comp_id 
_pdbx_unobs_or_zero_occ_residues.auth_seq_id 
_pdbx_unobs_or_zero_occ_residues.PDB_ins_code 
_pdbx_unobs_or_zero_occ_residues.label_asym_id 
_pdbx_unobs_or_zero_occ_residues.label_comp_id 
_pdbx_unobs_or_zero_occ_residues.label_seq_id 
1 1 Y 1 A GLN 8 ? A GLN 8 
2 1 Y 1 A PRO 9 ? A PRO 9 
3 1 Y 1 B PRO 9 ? B PRO 9 
4 1 Y 1 C PRO 9 ? C PRO 9 
# 
loop_
_chem_comp_atom.comp_id 
_chem_comp_atom.atom_id 
_chem_comp_atom.type_symbol 
_chem_comp_atom.pdbx_aromatic_flag 
_chem_comp_atom.pdbx_stereo_config 
_chem_comp_atom.pdbx_ordinal 
GLN N    N N N 1   
GLN CA   C N S 2   
GLN C    C N N 3   
GLN O    O N N 4   
GLN CB   C N N 5   
GLN CG   C N N 6   
GLN CD   C N N 7   
GLN OE1  O N N 8   
GLN NE2  N N N 9   
GLN OXT  O N N 10  
GLN H    H N N 11  
GLN H2   H N N 12  
GLN HA   H N N 13  
GLN HB2  H N N 14  
GLN HB3  H N N 15  
GLN HG2  H N N 16  
GLN HG3  H N N 17  
GLN HE21 H N N 18  
GLN HE22 H N N 19  
GLN HXT  H N N 20  
GLY N    N N N 21  
GLY CA   C N N 22  
GLY C    C N N 23  
GLY O    O N N 24  
GLY OXT  O N N 25  
GLY H    H N N 26  
GLY H2   H N N 27  
GLY HA2  H N N 28  
GLY HA3  H N N 29  
GLY HXT  H N N 30  
I7L C10  C Y N 31  
I7L C13  C Y N 32  
I7L O01  O N N 33  
I7L C02  C N N 34  
I7L O03  O N N 35  
I7L C04  C N N 36  
I7L C05  C Y N 37  
I7L C06  C Y N 38  
I7L C07  C Y N 39  
I7L C08  C Y N 40  
I7L C09  C Y N 41  
I7L C11  C Y N 42  
I7L C12  C Y N 43  
I7L C14  C Y N 44  
I7L H1   H N N 45  
I7L H2   H N N 46  
I7L H3   H N N 47  
I7L H4   H N N 48  
I7L H5   H N N 49  
I7L H6   H N N 50  
I7L H7   H N N 51  
I7L H8   H N N 52  
I7L H9   H N N 53  
I7L H10  H N N 54  
PHE N    N N N 55  
PHE CA   C N S 56  
PHE C    C N N 57  
PHE O    O N N 58  
PHE CB   C N N 59  
PHE CG   C Y N 60  
PHE CD1  C Y N 61  
PHE CD2  C Y N 62  
PHE CE1  C Y N 63  
PHE CE2  C Y N 64  
PHE CZ   C Y N 65  
PHE OXT  O N N 66  
PHE H    H N N 67  
PHE H2   H N N 68  
PHE HA   H N N 69  
PHE HB2  H N N 70  
PHE HB3  H N N 71  
PHE HD1  H N N 72  
PHE HD2  H N N 73  
PHE HE1  H N N 74  
PHE HE2  H N N 75  
PHE HZ   H N N 76  
PHE HXT  H N N 77  
PRO N    N N N 78  
PRO CA   C N S 79  
PRO C    C N N 80  
PRO O    O N N 81  
PRO CB   C N N 82  
PRO CG   C N N 83  
PRO CD   C N N 84  
PRO OXT  O N N 85  
PRO H    H N N 86  
PRO HA   H N N 87  
PRO HB2  H N N 88  
PRO HB3  H N N 89  
PRO HG2  H N N 90  
PRO HG3  H N N 91  
PRO HD2  H N N 92  
PRO HD3  H N N 93  
PRO HXT  H N N 94  
TYR N    N N N 95  
TYR CA   C N S 96  
TYR C    C N N 97  
TYR O    O N N 98  
TYR CB   C N N 99  
TYR CG   C Y N 100 
TYR CD1  C Y N 101 
TYR CD2  C Y N 102 
TYR CE1  C Y N 103 
TYR CE2  C Y N 104 
TYR CZ   C Y N 105 
TYR OH   O N N 106 
TYR OXT  O N N 107 
TYR H    H N N 108 
TYR H2   H N N 109 
TYR HA   H N N 110 
TYR HB2  H N N 111 
TYR HB3  H N N 112 
TYR HD1  H N N 113 
TYR HD2  H N N 114 
TYR HE1  H N N 115 
TYR HE2  H N N 116 
TYR HH   H N N 117 
TYR HXT  H N N 118 
# 
loop_
_chem_comp_bond.comp_id 
_chem_comp_bond.atom_id_1 
_chem_comp_bond.atom_id_2 
_chem_comp_bond.value_order 
_chem_comp_bond.pdbx_aromatic_flag 
_chem_comp_bond.pdbx_stereo_config 
_chem_comp_bond.pdbx_ordinal 
GLN N   CA   sing N N 1   
GLN N   H    sing N N 2   
GLN N   H2   sing N N 3   
GLN CA  C    sing N N 4   
GLN CA  CB   sing N N 5   
GLN CA  HA   sing N N 6   
GLN C   O    doub N N 7   
GLN C   OXT  sing N N 8   
GLN CB  CG   sing N N 9   
GLN CB  HB2  sing N N 10  
GLN CB  HB3  sing N N 11  
GLN CG  CD   sing N N 12  
GLN CG  HG2  sing N N 13  
GLN CG  HG3  sing N N 14  
GLN CD  OE1  doub N N 15  
GLN CD  NE2  sing N N 16  
GLN NE2 HE21 sing N N 17  
GLN NE2 HE22 sing N N 18  
GLN OXT HXT  sing N N 19  
GLY N   CA   sing N N 20  
GLY N   H    sing N N 21  
GLY N   H2   sing N N 22  
GLY CA  C    sing N N 23  
GLY CA  HA2  sing N N 24  
GLY CA  HA3  sing N N 25  
GLY C   O    doub N N 26  
GLY C   OXT  sing N N 27  
GLY OXT HXT  sing N N 28  
I7L C10 C09  doub Y N 29  
I7L C10 C11  sing Y N 30  
I7L C09 C08  sing Y N 31  
I7L C11 C12  doub Y N 32  
I7L C08 C07  doub Y N 33  
I7L C08 C13  sing Y N 34  
I7L C07 C06  sing Y N 35  
I7L C12 C13  sing Y N 36  
I7L C13 C14  doub Y N 37  
I7L C06 C05  doub Y N 38  
I7L C14 C05  sing Y N 39  
I7L C05 C04  sing N N 40  
I7L O01 C02  doub N N 41  
I7L C02 C04  sing N N 42  
I7L C02 O03  sing N N 43  
I7L C10 H1   sing N N 44  
I7L O03 H2   sing N N 45  
I7L C04 H3   sing N N 46  
I7L C04 H4   sing N N 47  
I7L C06 H5   sing N N 48  
I7L C07 H6   sing N N 49  
I7L C09 H7   sing N N 50  
I7L C11 H8   sing N N 51  
I7L C12 H9   sing N N 52  
I7L C14 H10  sing N N 53  
PHE N   CA   sing N N 54  
PHE N   H    sing N N 55  
PHE N   H2   sing N N 56  
PHE CA  C    sing N N 57  
PHE CA  CB   sing N N 58  
PHE CA  HA   sing N N 59  
PHE C   O    doub N N 60  
PHE C   OXT  sing N N 61  
PHE CB  CG   sing N N 62  
PHE CB  HB2  sing N N 63  
PHE CB  HB3  sing N N 64  
PHE CG  CD1  doub Y N 65  
PHE CG  CD2  sing Y N 66  
PHE CD1 CE1  sing Y N 67  
PHE CD1 HD1  sing N N 68  
PHE CD2 CE2  doub Y N 69  
PHE CD2 HD2  sing N N 70  
PHE CE1 CZ   doub Y N 71  
PHE CE1 HE1  sing N N 72  
PHE CE2 CZ   sing Y N 73  
PHE CE2 HE2  sing N N 74  
PHE CZ  HZ   sing N N 75  
PHE OXT HXT  sing N N 76  
PRO N   CA   sing N N 77  
PRO N   CD   sing N N 78  
PRO N   H    sing N N 79  
PRO CA  C    sing N N 80  
PRO CA  CB   sing N N 81  
PRO CA  HA   sing N N 82  
PRO C   O    doub N N 83  
PRO C   OXT  sing N N 84  
PRO CB  CG   sing N N 85  
PRO CB  HB2  sing N N 86  
PRO CB  HB3  sing N N 87  
PRO CG  CD   sing N N 88  
PRO CG  HG2  sing N N 89  
PRO CG  HG3  sing N N 90  
PRO CD  HD2  sing N N 91  
PRO CD  HD3  sing N N 92  
PRO OXT HXT  sing N N 93  
TYR N   CA   sing N N 94  
TYR N   H    sing N N 95  
TYR N   H2   sing N N 96  
TYR CA  C    sing N N 97  
TYR CA  CB   sing N N 98  
TYR CA  HA   sing N N 99  
TYR C   O    doub N N 100 
TYR C   OXT  sing N N 101 
TYR CB  CG   sing N N 102 
TYR CB  HB2  sing N N 103 
TYR CB  HB3  sing N N 104 
TYR CG  CD1  doub Y N 105 
TYR CG  CD2  sing Y N 106 
TYR CD1 CE1  sing Y N 107 
TYR CD1 HD1  sing N N 108 
TYR CD2 CE2  doub Y N 109 
TYR CD2 HD2  sing N N 110 
TYR CE1 CZ   doub Y N 111 
TYR CE1 HE1  sing N N 112 
TYR CE2 CZ   sing Y N 113 
TYR CE2 HE2  sing N N 114 
TYR CZ  OH   sing N N 115 
TYR OH  HH   sing N N 116 
TYR OXT HXT  sing N N 117 
# 
_em_admin.current_status     REL 
_em_admin.deposition_date    2024-12-10 
_em_admin.deposition_site    RCSB 
_em_admin.entry_id           9MGA 
_em_admin.last_update        2025-07-09 
_em_admin.map_release_date   2025-05-07 
_em_admin.title              'Cryo-EM of 3-protofilament helical fibers formed by (NAP)FFGPQYQP' 
# 
_em_ctf_correction.details                  ? 
_em_ctf_correction.em_image_processing_id   1 
_em_ctf_correction.id                       1 
_em_ctf_correction.type                     'PHASE FLIPPING AND AMPLITUDE CORRECTION' 
# 
_em_entity_assembly_naturalsource.cell                 ? 
_em_entity_assembly_naturalsource.cellular_location    ? 
_em_entity_assembly_naturalsource.entity_assembly_id   1 
_em_entity_assembly_naturalsource.id                   2 
_em_entity_assembly_naturalsource.ncbi_tax_id          32630 
_em_entity_assembly_naturalsource.organism             'synthetic construct' 
_em_entity_assembly_naturalsource.organelle            ? 
_em_entity_assembly_naturalsource.organ                ? 
_em_entity_assembly_naturalsource.strain               ? 
_em_entity_assembly_naturalsource.tissue               ? 
_em_entity_assembly_naturalsource.details              ? 
# 
_em_helical_entity.id                             1 
_em_helical_entity.image_processing_id            1 
_em_helical_entity.details                        ? 
_em_helical_entity.axial_symmetry                 C1 
_em_helical_entity.angular_rotation_per_subunit   -120.7 
_em_helical_entity.axial_rise_per_subunit         1.70 
# 
_em_image_processing.details              ? 
_em_image_processing.id                   1 
_em_image_processing.image_recording_id   1 
# 
_em_image_recording.average_exposure_time               ? 
_em_image_recording.avg_electron_dose_per_subtomogram   ? 
_em_image_recording.avg_electron_dose_per_image         50 
_em_image_recording.details                             ? 
_em_image_recording.detector_mode                       ? 
_em_image_recording.film_or_detector_model              'GATAN K3 (6k x 4k)' 
_em_image_recording.id                                  1 
_em_image_recording.imaging_id                          1 
_em_image_recording.num_diffraction_images              ? 
_em_image_recording.num_grids_imaged                    ? 
_em_image_recording.num_real_images                     ? 
# 
loop_
_em_software.category 
_em_software.details 
_em_software.id 
_em_software.image_processing_id 
_em_software.fitting_id 
_em_software.imaging_id 
_em_software.name 
_em_software.version 
'PARTICLE SELECTION'       ? 1  1 ? ? ?      ?           
'MODEL REFINEMENT'         ? 2  ? ? ? PHENIX 1.18.2_3874 
'IMAGE ACQUISITION'        ? 3  ? ? 1 ?      ?           
MASKING                    ? 4  ? ? ? ?      ?           
'CTF CORRECTION'           ? 5  1 ? ? ?      ?           
'LAYERLINE INDEXING'       ? 6  ? ? ? ?      ?           
'DIFFRACTION INDEXING'     ? 7  ? ? ? ?      ?           
'MODEL FITTING'            ? 8  ? ? ? ?      ?           
OTHER                      ? 9  ? ? ? ?      ?           
'INITIAL EULER ASSIGNMENT' ? 10 1 ? ? ?      ?           
'FINAL EULER ASSIGNMENT'   ? 11 1 ? ? ?      ?           
CLASSIFICATION             ? 12 1 ? ? ?      ?           
RECONSTRUCTION             ? 13 1 ? ? ?      ?           
# 
_em_specimen.concentration           ? 
_em_specimen.details                 ? 
_em_specimen.embedding_applied       NO 
_em_specimen.experiment_id           1 
_em_specimen.id                      1 
_em_specimen.shadowing_applied       NO 
_em_specimen.staining_applied        NO 
_em_specimen.vitrification_applied   YES 
# 
loop_
_pdbx_audit_support.funding_organization 
_pdbx_audit_support.country 
_pdbx_audit_support.grant_number 
_pdbx_audit_support.ordinal 
'National Institutes of Health/National Institute of General Medical Sciences (NIH/NIGMS)' 'United States' GM138756 1 
'National Institutes of Health/National Cancer Institute (NIH/NCI)'                        'United States' CA142746 2 
# 
_atom_sites.entry_id                    9MGA 
_atom_sites.Cartn_transf_matrix[1][1]   ? 
_atom_sites.Cartn_transf_matrix[1][2]   ? 
_atom_sites.Cartn_transf_matrix[1][3]   ? 
_atom_sites.Cartn_transf_matrix[2][1]   ? 
_atom_sites.Cartn_transf_matrix[2][2]   ? 
_atom_sites.Cartn_transf_matrix[2][3]   ? 
_atom_sites.Cartn_transf_matrix[3][1]   ? 
_atom_sites.Cartn_transf_matrix[3][2]   ? 
_atom_sites.Cartn_transf_matrix[3][3]   ? 
_atom_sites.Cartn_transf_vector[1]      ? 
_atom_sites.Cartn_transf_vector[2]      ? 
_atom_sites.Cartn_transf_vector[3]      ? 
_atom_sites.Cartn_transform_axes        ? 
_atom_sites.fract_transf_matrix[1][1]   1.000000 
_atom_sites.fract_transf_matrix[1][2]   0.000000 
_atom_sites.fract_transf_matrix[1][3]   0.000000 
_atom_sites.fract_transf_matrix[2][1]   0.000000 
_atom_sites.fract_transf_matrix[2][2]   1.000000 
_atom_sites.fract_transf_matrix[2][3]   0.000000 
_atom_sites.fract_transf_matrix[3][1]   0.000000 
_atom_sites.fract_transf_matrix[3][2]   0.000000 
_atom_sites.fract_transf_matrix[3][3]   1.000000 
_atom_sites.fract_transf_vector[1]      0.00000 
_atom_sites.fract_transf_vector[2]      0.00000 
_atom_sites.fract_transf_vector[3]      0.00000 
_atom_sites.solution_primary            ? 
_atom_sites.solution_secondary          ? 
_atom_sites.solution_hydrogens          ? 
_atom_sites.special_details             ? 
# 
loop_
_atom_type.symbol 
C 
N 
O 
# 
loop_
_atom_site.group_PDB 
_atom_site.id 
_atom_site.type_symbol 
_atom_site.label_atom_id 
_atom_site.label_alt_id 
_atom_site.label_comp_id 
_atom_site.label_asym_id 
_atom_site.label_entity_id 
_atom_site.label_seq_id 
_atom_site.pdbx_PDB_ins_code 
_atom_site.Cartn_x 
_atom_site.Cartn_y 
_atom_site.Cartn_z 
_atom_site.occupancy 
_atom_site.B_iso_or_equiv 
_atom_site.pdbx_formal_charge 
_atom_site.auth_seq_id 
_atom_site.auth_comp_id 
_atom_site.auth_asym_id 
_atom_site.auth_atom_id 
_atom_site.pdbx_PDB_model_num 
HETATM 1   C C10 . I7L A 1 1 ? 8.766   12.191  9.661  1.00 55.35 ? 1 I7L A C10 1 
HETATM 2   C C13 . I7L A 1 1 ? 7.872   11.428  7.188  1.00 55.35 ? 1 I7L A C13 1 
HETATM 3   O O01 . I7L A 1 1 ? 4.855   10.266  4.685  1.00 55.35 ? 1 I7L A O01 1 
HETATM 4   C C02 . I7L A 1 1 ? 5.476   10.435  3.690  1.00 55.35 ? 1 I7L A C02 1 
HETATM 5   C C04 . I7L A 1 1 ? 6.715   9.414   4.288  1.00 55.35 ? 1 I7L A C04 1 
HETATM 6   C C05 . I7L A 1 1 ? 7.238   9.774   5.647  1.00 55.35 ? 1 I7L A C05 1 
HETATM 7   C C06 . I7L A 1 1 ? 7.528   8.813   6.548  1.00 55.35 ? 1 I7L A C06 1 
HETATM 8   C C07 . I7L A 1 1 ? 7.979   9.174   7.774  1.00 55.35 ? 1 I7L A C07 1 
HETATM 9   C C08 . I7L A 1 1 ? 8.147   10.495  8.096  1.00 55.35 ? 1 I7L A C08 1 
HETATM 10  C C09 . I7L A 1 1 ? 8.601   10.873  9.334  1.00 55.35 ? 1 I7L A C09 1 
HETATM 11  C C11 . I7L A 1 1 ? 8.491   13.141  8.726  1.00 55.35 ? 1 I7L A C11 1 
HETATM 12  C C12 . I7L A 1 1 ? 8.025   12.766  7.500  1.00 55.35 ? 1 I7L A C12 1 
HETATM 13  C C14 . I7L A 1 1 ? 7.396   11.062  5.948  1.00 55.35 ? 1 I7L A C14 1 
ATOM   14  N N   . PHE A 1 2 ? 4.787   11.180  2.719  1.00 52.97 ? 2 PHE A N   1 
ATOM   15  C CA  . PHE A 1 2 ? 3.366   11.319  2.733  1.00 52.97 ? 2 PHE A CA  1 
ATOM   16  C C   . PHE A 1 2 ? 2.691   10.458  1.696  1.00 52.97 ? 2 PHE A C   1 
ATOM   17  O O   . PHE A 1 2 ? 2.747   10.699  0.550  1.00 52.97 ? 2 PHE A O   1 
ATOM   18  C CB  . PHE A 1 2 ? 3.016   12.786  2.576  1.00 52.97 ? 2 PHE A CB  1 
ATOM   19  C CG  . PHE A 1 2 ? 3.892   13.684  3.381  1.00 52.97 ? 2 PHE A CG  1 
ATOM   20  C CD1 . PHE A 1 2 ? 3.437   14.298  4.494  1.00 52.97 ? 2 PHE A CD1 1 
ATOM   21  C CD2 . PHE A 1 2 ? 5.166   13.864  3.036  1.00 52.97 ? 2 PHE A CD2 1 
ATOM   22  C CE1 . PHE A 1 2 ? 4.256   15.068  5.254  1.00 52.97 ? 2 PHE A CE1 1 
ATOM   23  C CE2 . PHE A 1 2 ? 5.996   14.642  3.789  1.00 52.97 ? 2 PHE A CE2 1 
ATOM   24  C CZ  . PHE A 1 2 ? 5.539   15.254  4.897  1.00 52.97 ? 2 PHE A CZ  1 
ATOM   25  N N   . PHE A 1 3 ? 1.986   9.465   2.148  1.00 51.93 ? 3 PHE A N   1 
ATOM   26  C CA  . PHE A 1 3 ? 1.312   8.550   1.297  1.00 51.93 ? 3 PHE A CA  1 
ATOM   27  C C   . PHE A 1 3 ? -0.141  8.752   1.408  1.00 51.93 ? 3 PHE A C   1 
ATOM   28  O O   . PHE A 1 3 ? -0.630  9.375   2.311  1.00 51.93 ? 3 PHE A O   1 
ATOM   29  C CB  . PHE A 1 3 ? 1.491   7.133   1.752  1.00 51.93 ? 3 PHE A CB  1 
ATOM   30  C CG  . PHE A 1 3 ? 2.787   6.808   2.354  1.00 51.93 ? 3 PHE A CG  1 
ATOM   31  C CD1 . PHE A 1 3 ? 3.700   6.132   1.667  1.00 51.93 ? 3 PHE A CD1 1 
ATOM   32  C CD2 . PHE A 1 3 ? 3.020   7.013   3.644  1.00 51.93 ? 3 PHE A CD2 1 
ATOM   33  C CE1 . PHE A 1 3 ? 4.887   5.787   2.200  1.00 51.93 ? 3 PHE A CE1 1 
ATOM   34  C CE2 . PHE A 1 3 ? 4.211   6.660   4.196  1.00 51.93 ? 3 PHE A CE2 1 
ATOM   35  C CZ  . PHE A 1 3 ? 5.134   6.020   3.462  1.00 51.93 ? 3 PHE A CZ  1 
ATOM   36  N N   . GLY A 1 4 ? -0.868  8.283   0.454  1.00 56.96 ? 4 GLY A N   1 
ATOM   37  C CA  . GLY A 1 4 ? -2.298  8.321   0.532  1.00 56.96 ? 4 GLY A CA  1 
ATOM   38  C C   . GLY A 1 4 ? -2.772  9.387   -0.339 1.00 56.96 ? 4 GLY A C   1 
ATOM   39  O O   . GLY A 1 4 ? -2.390  10.463  -0.122 1.00 56.96 ? 4 GLY A O   1 
ATOM   40  N N   . PRO A 1 5 ? -3.591  9.054   -1.335 1.00 65.20 ? 5 PRO A N   1 
ATOM   41  C CA  . PRO A 1 5 ? -4.118  9.936   -2.369 1.00 65.20 ? 5 PRO A CA  1 
ATOM   42  C C   . PRO A 1 5 ? -5.224  10.774  -1.872 1.00 65.20 ? 5 PRO A C   1 
ATOM   43  O O   . PRO A 1 5 ? -5.935  10.316  -1.076 1.00 65.20 ? 5 PRO A O   1 
ATOM   44  C CB  . PRO A 1 5 ? -4.603  8.965   -3.405 1.00 65.20 ? 5 PRO A CB  1 
ATOM   45  C CG  . PRO A 1 5 ? -5.051  7.852   -2.606 1.00 65.20 ? 5 PRO A CG  1 
ATOM   46  C CD  . PRO A 1 5 ? -4.067  7.693   -1.537 1.00 65.20 ? 5 PRO A CD  1 
ATOM   47  N N   . GLN A 1 6 ? -5.356  11.990  -2.354 1.00 75.98 ? 6 GLN A N   1 
ATOM   48  C CA  . GLN A 1 6 ? -6.374  12.865  -1.873 1.00 75.98 ? 6 GLN A CA  1 
ATOM   49  C C   . GLN A 1 6 ? -7.149  13.547  -2.935 1.00 75.98 ? 6 GLN A C   1 
ATOM   50  O O   . GLN A 1 6 ? -6.619  14.385  -3.577 1.00 75.98 ? 6 GLN A O   1 
ATOM   51  C CB  . GLN A 1 6 ? -5.676  13.959  -1.117 1.00 75.98 ? 6 GLN A CB  1 
ATOM   52  C CG  . GLN A 1 6 ? -4.507  14.466  -1.913 1.00 75.98 ? 6 GLN A CG  1 
ATOM   53  C CD  . GLN A 1 6 ? -3.512  15.228  -1.094 1.00 75.98 ? 6 GLN A CD  1 
ATOM   54  O OE1 . GLN A 1 6 ? -3.072  14.778  -0.059 1.00 75.98 ? 6 GLN A OE1 1 
ATOM   55  N NE2 . GLN A 1 6 ? -3.128  16.386  -1.578 1.00 75.98 ? 6 GLN A NE2 1 
ATOM   56  N N   . TYR A 1 7 ? -8.443  13.297  -3.015 1.00 85.93 ? 7 TYR A N   1 
ATOM   57  C CA  . TYR A 1 7 ? -9.302  13.906  -4.028 1.00 85.93 ? 7 TYR A CA  1 
ATOM   58  C C   . TYR A 1 7 ? -9.687  15.330  -3.651 1.00 85.93 ? 7 TYR A C   1 
ATOM   59  O O   . TYR A 1 7 ? -10.669 15.552  -2.947 1.00 85.93 ? 7 TYR A O   1 
ATOM   60  C CB  . TYR A 1 7 ? -10.562 13.079  -4.263 1.00 85.93 ? 7 TYR A CB  1 
ATOM   61  C CG  . TYR A 1 7 ? -10.409 11.637  -3.948 1.00 85.93 ? 7 TYR A CG  1 
ATOM   62  C CD1 . TYR A 1 7 ? -10.106 10.729  -4.920 1.00 85.93 ? 7 TYR A CD1 1 
ATOM   63  C CD2 . TYR A 1 7 ? -10.587 11.181  -2.676 1.00 85.93 ? 7 TYR A CD2 1 
ATOM   64  C CE1 . TYR A 1 7 ? -9.968  9.394   -4.624 1.00 85.93 ? 7 TYR A CE1 1 
ATOM   65  C CE2 . TYR A 1 7 ? -10.454 9.849   -2.362 1.00 85.93 ? 7 TYR A CE2 1 
ATOM   66  C CZ  . TYR A 1 7 ? -10.140 8.959   -3.340 1.00 85.93 ? 7 TYR A CZ  1 
ATOM   67  O OH  . TYR A 1 7 ? -10.003 7.638   -3.035 1.00 85.93 ? 7 TYR A OH  1 
HETATM 68  C C10 . I7L B 1 1 ? 18.560  4.309   8.642  1.00 49.73 ? 1 I7L B C10 1 
HETATM 69  C C13 . I7L B 1 1 ? 16.007  3.422   8.593  1.00 49.73 ? 1 I7L B C13 1 
HETATM 70  O O01 . I7L B 1 1 ? 12.548  0.643   6.359  1.00 49.73 ? 1 I7L B O01 1 
HETATM 71  C C02 . I7L B 1 1 ? 11.898  0.394   7.320  1.00 49.73 ? 1 I7L B C02 1 
HETATM 72  C C04 . I7L B 1 1 ? 12.856  1.461   8.246  1.00 49.73 ? 1 I7L B C04 1 
HETATM 73  C C05 . I7L B 1 1 ? 14.343  1.751   8.166  1.00 49.73 ? 1 I7L B C05 1 
HETATM 74  C C06 . I7L B 1 1 ? 15.336  0.904   7.814  1.00 49.73 ? 1 I7L B C06 1 
HETATM 75  C C07 . I7L B 1 1 ? 16.638  1.335   7.814  1.00 49.73 ? 1 I7L B C07 1 
HETATM 76  C C08 . I7L B 1 1 ? 16.973  2.604   8.227  1.00 49.73 ? 1 I7L B C08 1 
HETATM 77  C C09 . I7L B 1 1 ? 18.288  3.047   8.237  1.00 49.73 ? 1 I7L B C09 1 
HETATM 78  C C11 . I7L B 1 1 ? 17.577  5.149   9.024  1.00 49.73 ? 1 I7L B C11 1 
HETATM 79  C C12 . I7L B 1 1 ? 16.299  4.696   9.012  1.00 49.73 ? 1 I7L B C12 1 
HETATM 80  C C14 . I7L B 1 1 ? 14.700  2.986   8.583  1.00 49.73 ? 1 I7L B C14 1 
ATOM   81  N N   . PHE B 1 2 ? 10.825  -0.493  7.089  1.00 50.25 ? 2 PHE B N   1 
ATOM   82  C CA  . PHE B 1 2 ? 10.486  -0.945  5.795  1.00 50.25 ? 2 PHE B CA  1 
ATOM   83  C C   . PHE B 1 2 ? 9.069   -0.481  5.499  1.00 50.25 ? 2 PHE B C   1 
ATOM   84  O O   . PHE B 1 2 ? 8.193   -0.817  6.242  1.00 50.25 ? 2 PHE B O   1 
ATOM   85  C CB  . PHE B 1 2 ? 10.590  -2.453  5.805  1.00 50.25 ? 2 PHE B CB  1 
ATOM   86  C CG  . PHE B 1 2 ? 11.935  -2.988  6.208  1.00 50.25 ? 2 PHE B CG  1 
ATOM   87  C CD1 . PHE B 1 2 ? 12.274  -3.102  7.503  1.00 50.25 ? 2 PHE B CD1 1 
ATOM   88  C CD2 . PHE B 1 2 ? 12.797  -3.448  5.282  1.00 50.25 ? 2 PHE B CD2 1 
ATOM   89  C CE1 . PHE B 1 2 ? 13.483  -3.578  7.880  1.00 50.25 ? 2 PHE B CE1 1 
ATOM   90  C CE2 . PHE B 1 2 ? 14.007  -3.932  5.646  1.00 50.25 ? 2 PHE B CE2 1 
ATOM   91  C CZ  . PHE B 1 2 ? 14.341  -4.013  6.950  1.00 50.25 ? 2 PHE B CZ  1 
ATOM   92  N N   . PHE B 1 3 ? 8.823   0.265   4.418  1.00 48.79 ? 3 PHE B N   1 
ATOM   93  C CA  . PHE B 1 3 ? 7.490   0.818   4.121  1.00 48.79 ? 3 PHE B CA  1 
ATOM   94  C C   . PHE B 1 3 ? 6.790   0.423   2.823  1.00 48.79 ? 3 PHE B C   1 
ATOM   95  O O   . PHE B 1 3 ? 7.281   0.742   1.791  1.00 48.79 ? 3 PHE B O   1 
ATOM   96  C CB  . PHE B 1 3 ? 7.542   2.344   4.037  1.00 48.79 ? 3 PHE B CB  1 
ATOM   97  C CG  . PHE B 1 3 ? 7.924   3.058   5.300  1.00 48.79 ? 3 PHE B CG  1 
ATOM   98  C CD1 . PHE B 1 3 ? 9.200   3.405   5.549  1.00 48.79 ? 3 PHE B CD1 1 
ATOM   99  C CD2 . PHE B 1 3 ? 6.983   3.465   6.183  1.00 48.79 ? 3 PHE B CD2 1 
ATOM   100 C CE1 . PHE B 1 3 ? 9.532   4.055   6.690  1.00 48.79 ? 3 PHE B CE1 1 
ATOM   101 C CE2 . PHE B 1 3 ? 7.309   4.144   7.314  1.00 48.79 ? 3 PHE B CE2 1 
ATOM   102 C CZ  . PHE B 1 3 ? 8.583   4.435   7.574  1.00 48.79 ? 3 PHE B CZ  1 
ATOM   103 N N   . GLY B 1 4 ? 5.671   -0.273  2.853  1.00 48.05 ? 4 GLY B N   1 
ATOM   104 C CA  . GLY B 1 4 ? 4.891   -0.487  1.657  1.00 48.05 ? 4 GLY B CA  1 
ATOM   105 C C   . GLY B 1 4 ? 3.405   -0.622  1.915  1.00 48.05 ? 4 GLY B C   1 
ATOM   106 O O   . GLY B 1 4 ? 2.943   -1.549  2.588  1.00 48.05 ? 4 GLY B O   1 
ATOM   107 N N   . PRO B 1 5 ? 2.620   0.307   1.368  1.00 48.93 ? 5 PRO B N   1 
ATOM   108 C CA  . PRO B 1 5 ? 1.159   0.155   1.368  1.00 48.93 ? 5 PRO B CA  1 
ATOM   109 C C   . PRO B 1 5 ? 0.628   -0.422  0.065  1.00 48.93 ? 5 PRO B C   1 
ATOM   110 O O   . PRO B 1 5 ? 1.383   -0.611  -0.892 1.00 48.93 ? 5 PRO B O   1 
ATOM   111 C CB  . PRO B 1 5 ? 0.658   1.590   1.592  1.00 48.93 ? 5 PRO B CB  1 
ATOM   112 C CG  . PRO B 1 5 ? 1.907   2.435   1.818  1.00 48.93 ? 5 PRO B CG  1 
ATOM   113 C CD  . PRO B 1 5 ? 3.005   1.704   1.134  1.00 48.93 ? 5 PRO B CD  1 
ATOM   114 N N   . GLN B 1 6 ? -0.674  -0.699  0.018  1.00 48.76 ? 6 GLN B N   1 
ATOM   115 C CA  . GLN B 1 6 ? -1.359  -1.075  -1.210 1.00 48.76 ? 6 GLN B CA  1 
ATOM   116 C C   . GLN B 1 6 ? -2.740  -0.439  -1.214 1.00 48.76 ? 6 GLN B C   1 
ATOM   117 O O   . GLN B 1 6 ? -3.473  -0.540  -0.225 1.00 48.76 ? 6 GLN B O   1 
ATOM   118 C CB  . GLN B 1 6 ? -1.477  -2.594  -1.348 1.00 48.76 ? 6 GLN B CB  1 
ATOM   119 C CG  . GLN B 1 6 ? -1.879  -3.055  -2.737 1.00 48.76 ? 6 GLN B CG  1 
ATOM   120 C CD  . GLN B 1 6 ? -2.341  -4.491  -2.761 1.00 48.76 ? 6 GLN B CD  1 
ATOM   121 O OE1 . GLN B 1 6 ? -3.141  -4.911  -1.927 1.00 48.76 ? 6 GLN B OE1 1 
ATOM   122 N NE2 . GLN B 1 6 ? -1.835  -5.259  -3.715 1.00 48.76 ? 6 GLN B NE2 1 
ATOM   123 N N   . TYR B 1 7 ? -3.095  0.211   -2.319 1.00 49.16 ? 7 TYR B N   1 
ATOM   124 C CA  . TYR B 1 7 ? -4.361  0.924   -2.443 1.00 49.16 ? 7 TYR B CA  1 
ATOM   125 C C   . TYR B 1 7 ? -5.182  0.309   -3.567 1.00 49.16 ? 7 TYR B C   1 
ATOM   126 O O   . TYR B 1 7 ? -4.683  0.142   -4.685 1.00 49.16 ? 7 TYR B O   1 
ATOM   127 C CB  . TYR B 1 7 ? -4.130  2.414   -2.692 1.00 49.16 ? 7 TYR B CB  1 
ATOM   128 C CG  . TYR B 1 7 ? -3.468  3.122   -1.532 1.00 49.16 ? 7 TYR B CG  1 
ATOM   129 C CD1 . TYR B 1 7 ? -2.092  3.292   -1.489 1.00 49.16 ? 7 TYR B CD1 1 
ATOM   130 C CD2 . TYR B 1 7 ? -4.221  3.610   -0.474 1.00 49.16 ? 7 TYR B CD2 1 
ATOM   131 C CE1 . TYR B 1 7 ? -1.485  3.935   -0.427 1.00 49.16 ? 7 TYR B CE1 1 
ATOM   132 C CE2 . TYR B 1 7 ? -3.624  4.254   0.590  1.00 49.16 ? 7 TYR B CE2 1 
ATOM   133 C CZ  . TYR B 1 7 ? -2.256  4.414   0.609  1.00 49.16 ? 7 TYR B CZ  1 
ATOM   134 O OH  . TYR B 1 7 ? -1.657  5.053   1.667  1.00 49.16 ? 7 TYR B OH  1 
ATOM   135 N N   . GLN B 1 8 ? -6.438  -0.018  -3.265 1.00 54.71 ? 8 GLN B N   1 
ATOM   136 C CA  . GLN B 1 8 ? -7.358  -0.653  -4.207 1.00 54.71 ? 8 GLN B CA  1 
ATOM   137 C C   . GLN B 1 8 ? -6.789  -1.958  -4.752 1.00 54.71 ? 8 GLN B C   1 
ATOM   138 O O   . GLN B 1 8 ? -6.553  -2.903  -4.001 1.00 54.71 ? 8 GLN B O   1 
ATOM   139 C CB  . GLN B 1 8 ? -7.696  0.293   -5.360 1.00 54.71 ? 8 GLN B CB  1 
ATOM   140 C CG  . GLN B 1 8 ? -8.464  1.535   -4.944 1.00 54.71 ? 8 GLN B CG  1 
ATOM   141 C CD  . GLN B 1 8 ? -9.817  1.216   -4.350 1.00 54.71 ? 8 GLN B CD  1 
ATOM   142 O OE1 . GLN B 1 8 ? -10.032 1.375   -3.151 1.00 54.71 ? 8 GLN B OE1 1 
ATOM   143 N NE2 . GLN B 1 8 ? -10.739 0.761   -5.189 1.00 54.71 ? 8 GLN B NE2 1 
HETATM 144 C C10 . I7L C 1 1 ? 16.000  -9.241  11.222 1.00 51.78 ? 1 I7L C C10 1 
HETATM 145 C C13 . I7L C 1 1 ? 14.488  -10.044 9.035  1.00 51.78 ? 1 I7L C C13 1 
HETATM 146 O O01 . I7L C 1 1 ? 10.632  -9.524  6.272  1.00 51.78 ? 1 I7L C O01 1 
HETATM 147 C C02 . I7L C 1 1 ? 11.299  -9.117  5.354  1.00 51.78 ? 1 I7L C C02 1 
HETATM 148 C C04 . I7L C 1 1 ? 12.609  -10.123 5.806  1.00 51.78 ? 1 I7L C C04 1 
HETATM 149 C C05 . I7L C 1 1 ? 13.433  -9.606  6.942  1.00 51.78 ? 1 I7L C C05 1 
HETATM 150 C C06 . I7L C 1 1 ? 13.910  -8.355  6.979  1.00 51.78 ? 1 I7L C C06 1 
HETATM 151 C C07 . I7L C 1 1 ? 14.664  -7.973  8.038  1.00 51.78 ? 1 I7L C C07 1 
HETATM 152 C C08 . I7L C 1 1 ? 14.953  -8.814  9.089  1.00 51.78 ? 1 I7L C C08 1 
HETATM 153 C C09 . I7L C 1 1 ? 15.718  -8.398  10.176 1.00 51.78 ? 1 I7L C C09 1 
HETATM 154 C C11 . I7L C 1 1 ? 15.509  -10.495 11.167 1.00 51.78 ? 1 I7L C C11 1 
HETATM 155 C C12 . I7L C 1 1 ? 14.771  -10.893 10.085 1.00 51.78 ? 1 I7L C C12 1 
HETATM 156 C C14 . I7L C 1 1 ? 13.728  -10.437 7.960  1.00 51.78 ? 1 I7L C C14 1 
ATOM   157 N N   . PHE C 1 2 ? 10.638  -8.216  4.488  1.00 49.01 ? 2 PHE C N   1 
ATOM   158 C CA  . PHE C 1 2 ? 9.294   -7.741  4.619  1.00 49.01 ? 2 PHE C CA  1 
ATOM   159 C C   . PHE C 1 2 ? 8.529   -8.420  3.488  1.00 49.01 ? 2 PHE C C   1 
ATOM   160 O O   . PHE C 1 2 ? 8.988   -8.391  2.397  1.00 49.01 ? 2 PHE C O   1 
ATOM   161 C CB  . PHE C 1 2 ? 9.393   -6.219  4.409  1.00 49.01 ? 2 PHE C CB  1 
ATOM   162 C CG  . PHE C 1 2 ? 8.104   -5.517  4.177  1.00 49.01 ? 2 PHE C CG  1 
ATOM   163 C CD1 . PHE C 1 2 ? 7.357   -5.113  5.186  1.00 49.01 ? 2 PHE C CD1 1 
ATOM   164 C CD2 . PHE C 1 2 ? 7.710   -5.216  2.935  1.00 49.01 ? 2 PHE C CD2 1 
ATOM   165 C CE1 . PHE C 1 2 ? 6.194   -4.484  4.964  1.00 49.01 ? 2 PHE C CE1 1 
ATOM   166 C CE2 . PHE C 1 2 ? 6.540   -4.600  2.693  1.00 49.01 ? 2 PHE C CE2 1 
ATOM   167 C CZ  . PHE C 1 2 ? 5.778   -4.221  3.727  1.00 49.01 ? 2 PHE C CZ  1 
ATOM   168 N N   . PHE C 1 3 ? 7.416   -9.092  3.734  1.00 47.08 ? 3 PHE C N   1 
ATOM   169 C CA  . PHE C 1 3 ? 6.640   -9.663  2.638  1.00 47.08 ? 3 PHE C CA  1 
ATOM   170 C C   . PHE C 1 3 ? 5.272   -8.945  2.629  1.00 47.08 ? 3 PHE C C   1 
ATOM   171 O O   . PHE C 1 3 ? 4.474   -9.204  3.467  1.00 47.08 ? 3 PHE C O   1 
ATOM   172 C CB  . PHE C 1 3 ? 6.517   -11.159 2.802  1.00 47.08 ? 3 PHE C CB  1 
ATOM   173 C CG  . PHE C 1 3 ? 7.834   -11.878 2.894  1.00 47.08 ? 3 PHE C CG  1 
ATOM   174 C CD1 . PHE C 1 3 ? 8.473   -12.301 1.801  1.00 47.08 ? 3 PHE C CD1 1 
ATOM   175 C CD2 . PHE C 1 3 ? 8.370   -12.181 4.104  1.00 47.08 ? 3 PHE C CD2 1 
ATOM   176 C CE1 . PHE C 1 3 ? 9.668   -12.948 1.902  1.00 47.08 ? 3 PHE C CE1 1 
ATOM   177 C CE2 . PHE C 1 3 ? 9.564   -12.802 4.219  1.00 47.08 ? 3 PHE C CE2 1 
ATOM   178 C CZ  . PHE C 1 3 ? 10.208  -13.207 3.113  1.00 47.08 ? 3 PHE C CZ  1 
ATOM   179 N N   . GLY C 1 4 ? 4.969   -8.130  1.635  1.00 46.02 ? 4 GLY C N   1 
ATOM   180 C CA  . GLY C 1 4 ? 3.771   -7.290  1.571  1.00 46.02 ? 4 GLY C CA  1 
ATOM   181 C C   . GLY C 1 4 ? 2.463   -7.909  1.242  1.00 46.02 ? 4 GLY C C   1 
ATOM   182 O O   . GLY C 1 4 ? 2.445   -9.094  1.091  1.00 46.02 ? 4 GLY C O   1 
ATOM   183 N N   . PRO C 1 5 ? 1.376   -7.136  1.066  1.00 47.78 ? 5 PRO C N   1 
ATOM   184 C CA  . PRO C 1 5 ? 0.032   -7.693  0.893  1.00 47.78 ? 5 PRO C CA  1 
ATOM   185 C C   . PRO C 1 5 ? -0.172  -8.295  -0.490 1.00 47.78 ? 5 PRO C C   1 
ATOM   186 O O   . PRO C 1 5 ? 0.633   -8.124  -1.406 1.00 47.78 ? 5 PRO C O   1 
ATOM   187 C CB  . PRO C 1 5 ? -0.882  -6.480  1.100  1.00 47.78 ? 5 PRO C CB  1 
ATOM   188 C CG  . PRO C 1 5 ? -0.064  -5.526  1.896  1.00 47.78 ? 5 PRO C CG  1 
ATOM   189 C CD  . PRO C 1 5 ? 1.332   -5.701  1.387  1.00 47.78 ? 5 PRO C CD  1 
ATOM   190 N N   . GLN C 1 6 ? -1.285  -9.014  -0.623 1.00 50.73 ? 6 GLN C N   1 
ATOM   191 C CA  . GLN C 1 6 ? -1.662  -9.674  -1.863 1.00 50.73 ? 6 GLN C CA  1 
ATOM   192 C C   . GLN C 1 6 ? -3.140  -9.440  -2.138 1.00 50.73 ? 6 GLN C C   1 
ATOM   193 O O   . GLN C 1 6 ? -3.932  -9.216  -1.219 1.00 50.73 ? 6 GLN C O   1 
ATOM   194 C CB  . GLN C 1 6 ? -1.383  -11.178 -1.805 1.00 50.73 ? 6 GLN C CB  1 
ATOM   195 C CG  . GLN C 1 6 ? 0.072   -11.530 -1.569 1.00 50.73 ? 6 GLN C CG  1 
ATOM   196 C CD  . GLN C 1 6 ? 0.315   -13.021 -1.572 1.00 50.73 ? 6 GLN C CD  1 
ATOM   197 O OE1 . GLN C 1 6 ? -0.619  -13.813 -1.464 1.00 50.73 ? 6 GLN C OE1 1 
ATOM   198 N NE2 . GLN C 1 6 ? 1.576   -13.413 -1.698 1.00 50.73 ? 6 GLN C NE2 1 
ATOM   199 N N   . TYR C 1 7 ? -3.507  -9.499  -3.417 1.00 53.39 ? 7 TYR C N   1 
ATOM   200 C CA  . TYR C 1 7 ? -4.884  -9.301  -3.852 1.00 53.39 ? 7 TYR C CA  1 
ATOM   201 C C   . TYR C 1 7 ? -5.245  -10.380 -4.860 1.00 53.39 ? 7 TYR C C   1 
ATOM   202 O O   . TYR C 1 7 ? -4.596  -10.499 -5.903 1.00 53.39 ? 7 TYR C O   1 
ATOM   203 C CB  . TYR C 1 7 ? -5.075  -7.913  -4.470 1.00 53.39 ? 7 TYR C CB  1 
ATOM   204 C CG  . TYR C 1 7 ? -6.520  -7.504  -4.652 1.00 53.39 ? 7 TYR C CG  1 
ATOM   205 C CD1 . TYR C 1 7 ? -7.153  -7.645  -5.879 1.00 53.39 ? 7 TYR C CD1 1 
ATOM   206 C CD2 . TYR C 1 7 ? -7.246  -6.962  -3.603 1.00 53.39 ? 7 TYR C CD2 1 
ATOM   207 C CE1 . TYR C 1 7 ? -8.470  -7.267  -6.050 1.00 53.39 ? 7 TYR C CE1 1 
ATOM   208 C CE2 . TYR C 1 7 ? -8.561  -6.580  -3.767 1.00 53.39 ? 7 TYR C CE2 1 
ATOM   209 C CZ  . TYR C 1 7 ? -9.168  -6.735  -4.991 1.00 53.39 ? 7 TYR C CZ  1 
ATOM   210 O OH  . TYR C 1 7 ? -10.479 -6.356  -5.156 1.00 53.39 ? 7 TYR C OH  1 
ATOM   211 N N   . GLN C 1 8 ? -6.281  -11.155 -4.546 1.00 60.76 ? 8 GLN C N   1 
ATOM   212 C CA  . GLN C 1 8 ? -6.723  -12.272 -5.379 1.00 60.76 ? 8 GLN C CA  1 
ATOM   213 C C   . GLN C 1 8 ? -5.591  -13.261 -5.636 1.00 60.76 ? 8 GLN C C   1 
ATOM   214 O O   . GLN C 1 8 ? -5.832  -14.418 -5.977 1.00 60.76 ? 8 GLN C O   1 
ATOM   215 C CB  . GLN C 1 8 ? -7.292  -11.767 -6.707 1.00 60.76 ? 8 GLN C CB  1 
ATOM   216 C CG  . GLN C 1 8 ? -8.761  -11.394 -6.648 1.00 60.76 ? 8 GLN C CG  1 
ATOM   217 C CD  . GLN C 1 8 ? -9.203  -10.577 -7.844 1.00 60.76 ? 8 GLN C CD  1 
ATOM   218 O OE1 . GLN C 1 8 ? -8.434  -10.358 -8.781 1.00 60.76 ? 8 GLN C OE1 1 
ATOM   219 N NE2 . GLN C 1 8 ? -10.450 -10.119 -7.819 1.00 60.76 ? 8 GLN C NE2 1 
# 
